data_4G0X
#
_entry.id   4G0X
#
_cell.length_a   37.250
_cell.length_b   60.973
_cell.length_c   67.809
_cell.angle_alpha   90.00
_cell.angle_beta   90.00
_cell.angle_gamma   90.00
#
_symmetry.space_group_name_H-M   'P 21 21 21'
#
loop_
_entity.id
_entity.type
_entity.pdbx_description
1 polymer 'Protein argonaute 1'
2 non-polymer 'SULFATE ION'
3 water water
#
_entity_poly.entity_id   1
_entity_poly.type   'polypeptide(L)'
_entity_poly.pdbx_seq_one_letter_code
;SNKK(MSE)INGGTVNNWICINFSRQVQDNLARTFCQELAQ(MSE)CYVSG(MSE)AFNPEPVLPPVSARPEQVEKVLKT
RYHDATSKLSQGKEIDLLIVILPDNNGSLYGDLKRICETELGIVSQCCLTKHVFK(MSE)SKQY(MSE)ANVALKINVKV
GGRNTVL
;
_entity_poly.pdbx_strand_id   A
#
loop_
_chem_comp.id
_chem_comp.type
_chem_comp.name
_chem_comp.formula
SO4 non-polymer 'SULFATE ION' 'O4 S -2'
#
# COMPACT_ATOMS: atom_id res chain seq x y z
N SER A 1 -26.57 2.07 7.52
CA SER A 1 -25.25 2.74 7.66
C SER A 1 -24.20 1.92 6.92
N ASN A 2 -23.16 2.60 6.45
CA ASN A 2 -21.96 1.93 5.97
C ASN A 2 -20.99 1.64 7.10
N LYS A 3 -20.09 0.70 6.90
CA LYS A 3 -19.00 0.50 7.85
C LYS A 3 -18.16 1.74 7.98
N LYS A 4 -17.61 1.92 9.18
CA LYS A 4 -16.71 3.03 9.46
CA LYS A 4 -16.70 3.03 9.44
C LYS A 4 -15.65 2.57 10.44
N MSE A 5 -14.64 3.39 10.69
CA MSE A 5 -13.62 3.01 11.62
C MSE A 5 -14.08 3.28 13.05
O MSE A 5 -14.71 4.30 13.33
CB MSE A 5 -12.33 3.77 11.33
CG MSE A 5 -11.81 3.48 9.94
SE MSE A 5 -10.07 4.22 9.62
CE MSE A 5 -9.95 3.65 7.77
N ILE A 6 -13.76 2.35 13.95
CA ILE A 6 -13.91 2.57 15.38
C ILE A 6 -12.58 3.06 15.97
N ASN A 7 -11.53 2.27 15.79
CA ASN A 7 -10.17 2.65 16.13
C ASN A 7 -9.33 2.65 14.88
N GLY A 8 -8.80 3.81 14.54
CA GLY A 8 -7.91 3.95 13.42
C GLY A 8 -6.49 3.59 13.79
N GLY A 9 -5.87 2.79 12.94
CA GLY A 9 -4.48 2.42 13.09
C GLY A 9 -3.54 3.52 12.65
N THR A 10 -2.25 3.19 12.65
CA THR A 10 -1.21 4.15 12.35
C THR A 10 -0.32 3.61 11.23
N VAL A 11 -0.15 4.43 10.20
CA VAL A 11 0.79 4.16 9.13
C VAL A 11 1.69 5.38 9.02
N ASN A 12 2.82 5.31 9.70
CA ASN A 12 3.77 6.40 9.69
C ASN A 12 4.76 6.24 8.55
N ASN A 13 5.05 5.01 8.11
CA ASN A 13 6.04 4.76 7.10
C ASN A 13 5.50 3.78 6.09
N TRP A 14 5.41 4.21 4.85
CA TRP A 14 4.87 3.36 3.81
C TRP A 14 5.58 3.63 2.47
N ILE A 15 5.46 2.67 1.56
CA ILE A 15 5.98 2.77 0.22
C ILE A 15 5.02 2.13 -0.77
N CYS A 16 5.26 2.43 -2.05
CA CYS A 16 4.47 1.90 -3.14
C CYS A 16 5.35 1.26 -4.20
N ILE A 17 4.90 0.10 -4.69
CA ILE A 17 5.51 -0.55 -5.83
C ILE A 17 4.42 -0.80 -6.87
N ASN A 18 4.70 -0.42 -8.11
CA ASN A 18 3.81 -0.60 -9.22
C ASN A 18 4.31 -1.68 -10.16
N PHE A 19 3.40 -2.57 -10.57
CA PHE A 19 3.72 -3.65 -11.50
C PHE A 19 2.91 -3.56 -12.80
N SER A 20 2.18 -2.46 -12.99
CA SER A 20 1.40 -2.27 -14.21
C SER A 20 2.02 -1.33 -15.22
N ARG A 21 2.16 -1.82 -16.45
CA ARG A 21 2.76 -1.02 -17.53
C ARG A 21 1.86 0.11 -18.02
N GLN A 22 0.61 0.13 -17.57
CA GLN A 22 -0.28 1.23 -17.87
C GLN A 22 -0.22 2.39 -16.90
N VAL A 23 0.55 2.24 -15.82
CA VAL A 23 0.59 3.21 -14.72
C VAL A 23 1.94 3.92 -14.71
N GLN A 24 1.91 5.21 -15.02
CA GLN A 24 3.10 6.04 -14.91
C GLN A 24 3.36 6.44 -13.45
N ASP A 25 4.60 6.82 -13.15
CA ASP A 25 4.96 7.15 -11.80
C ASP A 25 4.05 8.18 -11.13
N ASN A 26 3.61 9.22 -11.86
CA ASN A 26 2.85 10.27 -11.21
C ASN A 26 1.44 9.80 -10.92
N LEU A 27 0.93 8.85 -11.67
CA LEU A 27 -0.37 8.26 -11.35
C LEU A 27 -0.27 7.41 -10.09
N ALA A 28 0.79 6.61 -9.99
CA ALA A 28 1.01 5.90 -8.73
C ALA A 28 1.10 6.88 -7.56
N ARG A 29 1.84 7.96 -7.73
CA ARG A 29 1.99 8.95 -6.66
C ARG A 29 0.63 9.56 -6.30
N THR A 30 -0.14 9.98 -7.29
CA THR A 30 -1.41 10.66 -7.06
C THR A 30 -2.38 9.68 -6.39
N PHE A 31 -2.46 8.47 -6.90
CA PHE A 31 -3.32 7.45 -6.30
C PHE A 31 -2.99 7.26 -4.81
N CYS A 32 -1.72 7.12 -4.49
CA CYS A 32 -1.33 6.90 -3.10
C CYS A 32 -1.63 8.11 -2.24
N GLN A 33 -1.44 9.31 -2.77
CA GLN A 33 -1.78 10.55 -2.07
CA GLN A 33 -1.76 10.52 -2.03
C GLN A 33 -3.25 10.56 -1.69
N GLU A 34 -4.11 10.22 -2.65
CA GLU A 34 -5.53 10.24 -2.41
CA GLU A 34 -5.54 10.23 -2.42
C GLU A 34 -5.95 9.15 -1.43
N LEU A 35 -5.34 7.96 -1.55
CA LEU A 35 -5.60 6.88 -0.59
C LEU A 35 -5.15 7.25 0.83
N ALA A 36 -3.98 7.88 0.94
CA ALA A 36 -3.47 8.32 2.24
C ALA A 36 -4.43 9.35 2.87
N GLN A 37 -4.95 10.26 2.06
CA GLN A 37 -5.90 11.27 2.53
C GLN A 37 -7.16 10.59 3.05
N MSE A 38 -7.71 9.65 2.28
CA MSE A 38 -8.92 8.94 2.69
C MSE A 38 -8.68 8.20 4.00
O MSE A 38 -9.54 8.23 4.91
CB MSE A 38 -9.36 7.95 1.60
CG MSE A 38 -10.53 7.08 2.01
SE MSE A 38 -12.18 8.09 2.34
CE MSE A 38 -12.59 8.50 0.50
N CYS A 39 -7.53 7.54 4.13
CA CYS A 39 -7.26 6.84 5.37
C CYS A 39 -7.23 7.78 6.57
N TYR A 40 -6.56 8.91 6.40
CA TYR A 40 -6.49 9.93 7.45
C TYR A 40 -7.88 10.45 7.84
N VAL A 41 -8.67 10.92 6.87
CA VAL A 41 -9.94 11.56 7.24
C VAL A 41 -10.94 10.53 7.75
N SER A 42 -10.68 9.25 7.52
CA SER A 42 -11.52 8.18 8.06
C SER A 42 -11.21 7.88 9.53
N GLY A 43 -10.07 8.36 10.02
CA GLY A 43 -9.67 8.17 11.40
C GLY A 43 -8.31 7.58 11.69
N MSE A 44 -7.52 7.33 10.65
CA MSE A 44 -6.16 6.83 10.87
C MSE A 44 -5.13 7.95 11.04
O MSE A 44 -5.32 9.05 10.51
CB MSE A 44 -5.71 5.96 9.69
CG MSE A 44 -6.62 4.77 9.39
SE MSE A 44 -5.90 3.55 8.08
CE MSE A 44 -4.49 2.82 9.14
N ALA A 45 -4.03 7.63 11.70
CA ALA A 45 -2.81 8.42 11.56
C ALA A 45 -2.15 7.86 10.28
N PHE A 46 -1.88 8.69 9.30
CA PHE A 46 -1.37 8.22 8.03
C PHE A 46 -0.50 9.29 7.41
N ASN A 47 0.79 9.01 7.29
CA ASN A 47 1.74 9.96 6.73
C ASN A 47 1.35 10.29 5.28
N PRO A 48 1.21 11.59 4.94
CA PRO A 48 0.86 11.94 3.57
C PRO A 48 1.97 11.64 2.56
N GLU A 49 3.19 11.40 3.02
CA GLU A 49 4.31 11.12 2.09
C GLU A 49 4.90 9.74 2.34
N PRO A 50 5.34 9.06 1.29
CA PRO A 50 6.00 7.76 1.46
C PRO A 50 7.46 7.93 1.85
N VAL A 51 8.07 6.85 2.31
CA VAL A 51 9.50 6.84 2.65
C VAL A 51 10.38 7.07 1.42
N LEU A 52 9.96 6.48 0.31
CA LEU A 52 10.61 6.59 -0.99
C LEU A 52 9.54 6.80 -2.03
N PRO A 53 9.89 7.37 -3.19
CA PRO A 53 8.93 7.53 -4.28
C PRO A 53 8.51 6.18 -4.84
N PRO A 54 7.41 6.14 -5.60
CA PRO A 54 7.00 4.85 -6.16
C PRO A 54 8.00 4.34 -7.19
N VAL A 55 8.13 3.03 -7.25
CA VAL A 55 8.96 2.39 -8.26
CA VAL A 55 8.94 2.41 -8.28
C VAL A 55 8.09 1.47 -9.11
N SER A 56 8.41 1.41 -10.38
CA SER A 56 7.77 0.48 -11.32
C SER A 56 8.70 -0.67 -11.62
N ALA A 57 8.14 -1.86 -11.65
CA ALA A 57 8.91 -3.09 -11.76
C ALA A 57 8.20 -4.11 -12.59
N ARG A 58 8.97 -5.04 -13.14
CA ARG A 58 8.39 -6.17 -13.85
C ARG A 58 7.89 -7.24 -12.90
N PRO A 59 6.73 -7.82 -13.21
CA PRO A 59 6.25 -8.92 -12.39
C PRO A 59 7.28 -10.02 -12.18
N GLU A 60 8.09 -10.32 -13.20
CA GLU A 60 9.04 -11.40 -13.07
C GLU A 60 10.11 -11.11 -12.03
N GLN A 61 10.32 -9.83 -11.73
CA GLN A 61 11.31 -9.41 -10.74
C GLN A 61 10.73 -9.20 -9.33
N VAL A 62 9.51 -9.70 -9.08
CA VAL A 62 8.82 -9.42 -7.82
C VAL A 62 9.68 -9.65 -6.56
N GLU A 63 10.37 -10.78 -6.47
CA GLU A 63 11.14 -11.10 -5.27
C GLU A 63 12.23 -10.07 -5.05
N LYS A 64 12.99 -9.81 -6.09
CA LYS A 64 14.10 -8.92 -5.97
C LYS A 64 13.69 -7.47 -5.70
N VAL A 65 12.65 -6.99 -6.38
CA VAL A 65 12.24 -5.61 -6.17
C VAL A 65 11.67 -5.45 -4.77
N LEU A 66 10.87 -6.40 -4.28
CA LEU A 66 10.30 -6.29 -2.94
CA LEU A 66 10.30 -6.27 -2.93
C LEU A 66 11.42 -6.23 -1.91
N LYS A 67 12.37 -7.15 -2.02
CA LYS A 67 13.42 -7.21 -1.04
C LYS A 67 14.31 -5.98 -1.10
N THR A 68 14.64 -5.50 -2.30
CA THR A 68 15.50 -4.35 -2.43
CA THR A 68 15.50 -4.34 -2.41
C THR A 68 14.80 -3.08 -1.93
N ARG A 69 13.54 -2.91 -2.30
CA ARG A 69 12.83 -1.69 -1.87
C ARG A 69 12.59 -1.68 -0.36
N TYR A 70 12.25 -2.84 0.20
CA TYR A 70 12.09 -3.00 1.63
C TYR A 70 13.38 -2.58 2.35
N HIS A 71 14.49 -3.11 1.86
CA HIS A 71 15.77 -2.84 2.50
C HIS A 71 16.11 -1.35 2.41
N ASP A 72 15.98 -0.77 1.22
CA ASP A 72 16.31 0.63 1.02
C ASP A 72 15.41 1.55 1.87
N ALA A 73 14.12 1.27 1.91
CA ALA A 73 13.21 2.10 2.67
C ALA A 73 13.47 1.97 4.15
N THR A 74 13.68 0.73 4.62
CA THR A 74 13.89 0.51 6.04
C THR A 74 15.16 1.24 6.50
N SER A 75 16.18 1.22 5.65
CA SER A 75 17.46 1.85 5.96
CA SER A 75 17.45 1.84 5.96
C SER A 75 17.31 3.36 6.14
N LYS A 76 16.31 3.96 5.52
CA LYS A 76 16.05 5.40 5.61
C LYS A 76 15.36 5.86 6.90
N LEU A 77 14.81 4.91 7.66
CA LEU A 77 14.07 5.23 8.88
C LEU A 77 14.97 5.48 10.06
N SER A 78 14.45 6.22 11.02
CA SER A 78 15.12 6.36 12.32
C SER A 78 15.31 4.95 12.90
N GLN A 79 16.44 4.73 13.54
CA GLN A 79 16.83 3.41 14.00
CA GLN A 79 16.80 3.38 13.95
C GLN A 79 15.74 2.71 14.83
N GLY A 80 15.35 1.50 14.42
CA GLY A 80 14.35 0.72 15.12
C GLY A 80 12.94 0.86 14.59
N LYS A 81 12.70 1.88 13.77
CA LYS A 81 11.41 2.06 13.13
C LYS A 81 11.30 1.11 11.94
N GLU A 82 10.07 0.76 11.58
CA GLU A 82 9.83 -0.20 10.52
C GLU A 82 8.76 0.28 9.58
N ILE A 83 8.77 -0.28 8.38
CA ILE A 83 7.74 0.03 7.40
C ILE A 83 6.40 -0.56 7.83
N ASP A 84 5.37 0.27 7.81
CA ASP A 84 4.02 -0.11 8.24
C ASP A 84 3.16 -0.71 7.14
N LEU A 85 3.43 -0.34 5.88
CA LEU A 85 2.55 -0.70 4.79
C LEU A 85 3.26 -0.61 3.44
N LEU A 86 3.03 -1.59 2.60
CA LEU A 86 3.36 -1.55 1.19
C LEU A 86 2.06 -1.49 0.40
N ILE A 87 1.93 -0.46 -0.44
CA ILE A 87 0.83 -0.35 -1.40
C ILE A 87 1.34 -0.84 -2.75
N VAL A 88 0.64 -1.80 -3.30
CA VAL A 88 1.06 -2.42 -4.56
C VAL A 88 0.00 -2.19 -5.61
N ILE A 89 0.39 -1.66 -6.77
CA ILE A 89 -0.50 -1.52 -7.91
C ILE A 89 -0.23 -2.71 -8.84
N LEU A 90 -1.28 -3.47 -9.14
CA LEU A 90 -1.17 -4.75 -9.87
C LEU A 90 -1.98 -4.67 -11.15
N PRO A 91 -1.50 -5.31 -12.21
CA PRO A 91 -2.35 -5.51 -13.38
C PRO A 91 -3.67 -6.20 -13.04
N ASP A 92 -4.72 -5.89 -13.79
CA ASP A 92 -6.03 -6.45 -13.51
C ASP A 92 -6.00 -7.96 -13.53
N ASN A 93 -5.26 -8.50 -14.49
CA ASN A 93 -5.07 -9.93 -14.62
C ASN A 93 -3.62 -10.21 -14.48
N ASN A 94 -3.23 -10.72 -13.32
CA ASN A 94 -1.81 -10.78 -13.00
C ASN A 94 -1.26 -12.16 -12.69
N GLY A 95 -2.08 -13.20 -12.91
CA GLY A 95 -1.61 -14.55 -12.76
C GLY A 95 -1.06 -14.82 -11.37
N SER A 96 0.16 -15.32 -11.31
CA SER A 96 0.76 -15.75 -10.05
C SER A 96 1.31 -14.59 -9.22
N LEU A 97 1.33 -13.39 -9.77
CA LEU A 97 1.96 -12.25 -9.08
C LEU A 97 1.33 -11.98 -7.71
N TYR A 98 0.01 -11.93 -7.64
CA TYR A 98 -0.65 -11.61 -6.38
C TYR A 98 -0.21 -12.58 -5.31
N GLY A 99 -0.31 -13.86 -5.58
CA GLY A 99 0.04 -14.87 -4.59
C GLY A 99 1.51 -14.82 -4.20
N ASP A 100 2.39 -14.60 -5.17
CA ASP A 100 3.81 -14.51 -4.91
C ASP A 100 4.10 -13.33 -3.99
N LEU A 101 3.48 -12.21 -4.29
CA LEU A 101 3.70 -11.00 -3.52
CA LEU A 101 3.67 -10.99 -3.53
C LEU A 101 3.22 -11.18 -2.08
N LYS A 102 2.05 -11.79 -1.90
CA LYS A 102 1.54 -11.99 -0.53
C LYS A 102 2.45 -12.94 0.25
N ARG A 103 2.93 -13.99 -0.39
CA ARG A 103 3.84 -14.91 0.29
C ARG A 103 5.11 -14.20 0.72
N ILE A 104 5.69 -13.40 -0.16
CA ILE A 104 6.92 -12.74 0.15
C ILE A 104 6.71 -11.73 1.27
N CYS A 105 5.67 -10.93 1.16
CA CYS A 105 5.44 -9.92 2.18
C CYS A 105 5.07 -10.53 3.54
N GLU A 106 4.22 -11.55 3.53
CA GLU A 106 3.78 -12.13 4.81
C GLU A 106 4.87 -12.93 5.51
N THR A 107 5.62 -13.72 4.74
CA THR A 107 6.50 -14.74 5.33
C THR A 107 7.99 -14.47 5.20
N GLU A 108 8.39 -13.50 4.39
CA GLU A 108 9.81 -13.16 4.24
C GLU A 108 10.11 -11.77 4.76
N LEU A 109 9.30 -10.79 4.39
CA LEU A 109 9.51 -9.40 4.84
C LEU A 109 8.75 -9.03 6.10
N GLY A 110 7.66 -9.72 6.38
CA GLY A 110 6.82 -9.40 7.53
C GLY A 110 6.26 -8.00 7.45
N ILE A 111 5.68 -7.68 6.30
CA ILE A 111 5.06 -6.38 6.08
C ILE A 111 3.63 -6.55 5.55
N VAL A 112 2.74 -5.76 6.11
CA VAL A 112 1.38 -5.62 5.62
C VAL A 112 1.40 -5.02 4.22
N SER A 113 0.56 -5.56 3.34
CA SER A 113 0.47 -5.07 1.95
C SER A 113 -0.97 -4.90 1.54
N GLN A 114 -1.21 -3.87 0.73
CA GLN A 114 -2.51 -3.61 0.16
C GLN A 114 -2.35 -3.53 -1.34
N CYS A 115 -3.01 -4.44 -2.04
CA CYS A 115 -2.97 -4.50 -3.49
C CYS A 115 -4.17 -3.76 -4.05
N CYS A 116 -3.96 -3.05 -5.16
CA CYS A 116 -4.99 -2.28 -5.84
C CYS A 116 -4.82 -2.50 -7.34
N LEU A 117 -5.89 -2.94 -7.99
CA LEU A 117 -5.82 -3.21 -9.41
C LEU A 117 -5.82 -1.94 -10.25
N THR A 118 -5.11 -2.01 -11.39
CA THR A 118 -5.00 -0.91 -12.32
C THR A 118 -6.32 -0.24 -12.62
N LYS A 119 -7.37 -1.01 -12.86
CA LYS A 119 -8.63 -0.38 -13.27
C LYS A 119 -9.16 0.58 -12.20
N HIS A 120 -8.91 0.26 -10.94
CA HIS A 120 -9.40 1.09 -9.83
C HIS A 120 -8.48 2.29 -9.60
N VAL A 121 -7.22 2.10 -9.87
CA VAL A 121 -6.22 3.14 -9.70
C VAL A 121 -6.51 4.30 -10.66
N PHE A 122 -6.89 3.97 -11.88
CA PHE A 122 -7.27 5.01 -12.84
C PHE A 122 -8.48 5.82 -12.42
N LYS A 123 -9.46 5.16 -11.81
CA LYS A 123 -10.70 5.82 -11.49
C LYS A 123 -10.64 6.62 -10.18
N MSE A 124 -9.90 6.13 -9.20
CA MSE A 124 -9.84 6.75 -7.88
C MSE A 124 -11.20 7.20 -7.37
O MSE A 124 -11.39 8.34 -6.94
CB MSE A 124 -8.90 7.95 -7.90
CG MSE A 124 -7.46 7.55 -7.88
SE MSE A 124 -6.35 9.09 -8.10
CE MSE A 124 -6.25 9.08 -10.04
N SER A 125 -12.15 6.29 -7.39
CA SER A 125 -13.46 6.59 -6.87
CA SER A 125 -13.48 6.54 -6.87
C SER A 125 -13.42 6.66 -5.35
N LYS A 126 -14.21 7.56 -4.81
CA LYS A 126 -14.33 7.73 -3.37
C LYS A 126 -14.68 6.42 -2.69
N GLN A 127 -15.68 5.73 -3.23
CA GLN A 127 -16.18 4.52 -2.60
C GLN A 127 -15.08 3.46 -2.58
N TYR A 128 -14.34 3.34 -3.68
CA TYR A 128 -13.26 2.37 -3.74
C TYR A 128 -12.22 2.72 -2.69
N MSE A 129 -11.82 3.99 -2.63
CA MSE A 129 -10.78 4.45 -1.70
C MSE A 129 -11.23 4.19 -0.26
O MSE A 129 -10.43 3.78 0.58
CB MSE A 129 -10.44 5.96 -1.83
CG MSE A 129 -10.25 6.62 -3.21
SE MSE A 129 -8.39 7.09 -3.69
CE MSE A 129 -8.13 5.20 -3.94
N ALA A 130 -12.49 4.46 0.03
CA ALA A 130 -13.04 4.25 1.38
C ALA A 130 -12.96 2.78 1.78
N ASN A 131 -13.28 1.89 0.86
CA ASN A 131 -13.22 0.47 1.15
C ASN A 131 -11.78 0.01 1.39
N VAL A 132 -10.87 0.48 0.55
CA VAL A 132 -9.46 0.13 0.71
C VAL A 132 -8.93 0.63 2.06
N ALA A 133 -9.33 1.84 2.42
CA ALA A 133 -8.92 2.38 3.73
C ALA A 133 -9.41 1.47 4.87
N LEU A 134 -10.64 0.98 4.77
CA LEU A 134 -11.15 0.07 5.79
C LEU A 134 -10.29 -1.19 5.88
N LYS A 135 -9.88 -1.72 4.71
CA LYS A 135 -9.06 -2.91 4.69
C LYS A 135 -7.69 -2.67 5.28
N ILE A 136 -7.07 -1.54 4.94
CA ILE A 136 -5.78 -1.20 5.50
C ILE A 136 -5.88 -1.09 7.00
N ASN A 137 -6.97 -0.49 7.48
CA ASN A 137 -7.10 -0.24 8.90
C ASN A 137 -7.08 -1.53 9.67
N VAL A 138 -7.84 -2.53 9.23
CA VAL A 138 -7.84 -3.81 9.91
C VAL A 138 -6.46 -4.46 9.87
N LYS A 139 -5.81 -4.38 8.73
CA LYS A 139 -4.52 -5.06 8.57
C LYS A 139 -3.47 -4.55 9.52
N VAL A 140 -3.52 -3.25 9.83
CA VAL A 140 -2.54 -2.66 10.73
C VAL A 140 -3.00 -2.63 12.19
N GLY A 141 -4.09 -3.31 12.51
CA GLY A 141 -4.49 -3.45 13.90
C GLY A 141 -5.60 -2.55 14.36
N GLY A 142 -6.15 -1.74 13.46
CA GLY A 142 -7.33 -0.96 13.77
C GLY A 142 -8.58 -1.82 13.84
N ARG A 143 -9.69 -1.18 14.13
CA ARG A 143 -10.98 -1.84 14.30
C ARG A 143 -12.05 -1.06 13.56
N ASN A 144 -12.88 -1.78 12.79
CA ASN A 144 -14.00 -1.19 12.08
C ASN A 144 -15.32 -1.67 12.66
N THR A 145 -16.38 -0.91 12.40
CA THR A 145 -17.72 -1.34 12.76
C THR A 145 -18.12 -2.54 11.91
N VAL A 146 -19.17 -3.23 12.35
CA VAL A 146 -19.82 -4.22 11.54
C VAL A 146 -21.25 -3.79 11.24
N LEU A 147 -21.77 -4.31 10.14
CA LEU A 147 -23.11 -3.98 9.70
C LEU A 147 -24.09 -4.78 10.54
S SO4 B . -5.43 -7.37 -0.62
O1 SO4 B . -5.49 -8.24 0.53
O2 SO4 B . -4.18 -6.62 -0.62
O3 SO4 B . -5.69 -8.03 -1.91
O4 SO4 B . -6.57 -6.52 -0.31
S SO4 C . -2.00 -8.93 4.19
O1 SO4 C . -2.74 -9.47 5.31
O2 SO4 C . -0.88 -9.88 3.91
O3 SO4 C . -2.89 -8.90 3.01
O4 SO4 C . -1.33 -7.66 4.55
S SO4 D . -0.67 -4.15 -17.42
O1 SO4 D . -1.17 -5.44 -17.85
O2 SO4 D . 0.81 -4.22 -17.15
O3 SO4 D . -0.92 -3.15 -18.48
O4 SO4 D . -1.45 -3.68 -16.25
S SO4 E . 7.12 -9.29 -17.23
O1 SO4 E . 5.68 -9.21 -17.46
O2 SO4 E . 7.38 -9.83 -15.89
O3 SO4 E . 7.58 -10.17 -18.29
O4 SO4 E . 7.70 -7.95 -17.33
S SO4 F . -14.50 1.51 -9.28
O1 SO4 F . -14.93 0.64 -8.18
O2 SO4 F . -13.04 1.61 -9.25
O3 SO4 F . -14.98 1.01 -10.57
O4 SO4 F . -15.10 2.82 -9.00
#